data_7YC1
#
_entry.id   7YC1
#
_cell.length_a   42.153
_cell.length_b   60.977
_cell.length_c   60.488
_cell.angle_alpha   90.000
_cell.angle_beta   97.820
_cell.angle_gamma   90.000
#
_symmetry.space_group_name_H-M   'P 1 21 1'
#
loop_
_entity.id
_entity.type
_entity.pdbx_description
1 polymer 'Fibroblast growth factor receptor 4'
2 non-polymer ~{N}-[5-cyano-4-(2-methoxyethylamino)pyridin-2-yl]-5-methanoyl-1-propyl-pyrrolo[3,2-b]pyridine-3-carboxamide
3 non-polymer 'SULFATE ION'
4 non-polymer GLYCEROL
5 water water
#
_entity_poly.entity_id   1
_entity_poly.type   'polypeptide(L)'
_entity_poly.pdbx_seq_one_letter_code
;GPLLAGLVSLDLPLDPLWEFPRDRLVLGKPLGEGCFGQVVRAEAFGMDPARPDQASTVAVKMLKDNASDKDLADLVSEME
VMKLIGRHKNIINLLGVCTQEGPLYVIVECAAKGNLREFLRARRPPGPDLSPDGPRSSEGPLSFPVLVSCAYQVARGMQY
LESRKCIHRDLAARNVLVTEDNVMKIADFGLARGVHHIDYYKKTSNGRLPVKWMAPEALFDEVYTHQSDVWSFGILLWEI
FTLGGSPYPGIPVEELFSLLREGHRMDRPPHCPPELYGLMRECWHAAPSQRPTFKQLVEALDKVLLAVSEE
;
_entity_poly.pdbx_strand_id   A
#
# COMPACT_ATOMS: atom_id res chain seq x y z
N ASP A 11 -11.12 24.47 -16.08
CA ASP A 11 -10.50 24.12 -17.34
C ASP A 11 -10.83 22.68 -17.73
N LEU A 12 -10.76 21.76 -16.77
CA LEU A 12 -11.11 20.37 -17.01
C LEU A 12 -12.63 20.23 -17.16
N PRO A 13 -13.08 19.18 -17.87
CA PRO A 13 -14.52 19.00 -18.03
C PRO A 13 -15.22 18.74 -16.70
N LEU A 14 -16.48 19.14 -16.60
CA LEU A 14 -17.24 18.97 -15.37
C LEU A 14 -17.89 17.59 -15.30
N ASP A 15 -17.51 16.83 -14.29
CA ASP A 15 -18.11 15.52 -14.04
C ASP A 15 -18.96 15.59 -12.77
N PRO A 16 -20.26 15.85 -12.93
CA PRO A 16 -21.20 16.02 -11.82
C PRO A 16 -21.32 14.77 -10.95
N LEU A 17 -20.88 13.63 -11.45
CA LEU A 17 -20.90 12.39 -10.70
C LEU A 17 -19.94 12.44 -9.52
N TRP A 18 -18.78 13.05 -9.74
CA TRP A 18 -17.72 13.05 -8.74
C TRP A 18 -17.38 14.45 -8.21
N GLU A 19 -17.85 15.48 -8.92
CA GLU A 19 -17.48 16.84 -8.57
C GLU A 19 -17.98 17.24 -7.18
N PHE A 20 -17.09 17.82 -6.40
CA PHE A 20 -17.39 18.23 -5.02
C PHE A 20 -16.97 19.69 -4.84
N PRO A 21 -17.88 20.50 -4.28
CA PRO A 21 -17.58 21.93 -4.03
C PRO A 21 -16.35 22.10 -3.15
N ARG A 22 -15.33 22.78 -3.68
CA ARG A 22 -14.06 22.93 -2.98
C ARG A 22 -14.20 23.76 -1.71
N ASP A 23 -15.27 24.55 -1.63
CA ASP A 23 -15.52 25.39 -0.46
C ASP A 23 -16.03 24.57 0.71
N ARG A 24 -16.35 23.30 0.45
CA ARG A 24 -16.80 22.39 1.49
C ARG A 24 -15.61 21.61 2.06
N LEU A 25 -14.40 21.98 1.65
CA LEU A 25 -13.19 21.38 2.15
C LEU A 25 -12.40 22.36 3.02
N VAL A 26 -11.90 21.87 4.15
CA VAL A 26 -11.01 22.65 4.99
C VAL A 26 -9.69 21.91 5.15
N LEU A 27 -8.67 22.36 4.44
CA LEU A 27 -7.38 21.68 4.41
C LEU A 27 -6.67 21.75 5.76
N GLY A 28 -6.12 20.62 6.19
CA GLY A 28 -5.40 20.56 7.45
C GLY A 28 -3.93 20.22 7.27
N LYS A 29 -3.39 19.41 8.18
CA LYS A 29 -1.98 19.07 8.16
C LYS A 29 -1.64 18.11 7.01
N PRO A 30 -0.54 18.40 6.29
CA PRO A 30 -0.03 17.55 5.21
C PRO A 30 0.33 16.15 5.71
N LEU A 31 0.28 15.17 4.82
CA LEU A 31 0.51 13.78 5.20
C LEU A 31 1.72 13.18 4.50
N GLY A 32 2.24 13.86 3.49
CA GLY A 32 3.41 13.39 2.78
C GLY A 32 3.48 13.85 1.34
N GLU A 33 4.56 13.46 0.66
CA GLU A 33 4.77 13.85 -0.72
C GLU A 33 5.15 12.64 -1.58
N GLY A 34 5.12 12.81 -2.90
CA GLY A 34 5.47 11.75 -3.82
C GLY A 34 6.20 12.27 -5.04
N CYS A 35 6.39 11.40 -6.03
CA CYS A 35 7.03 11.81 -7.28
C CYS A 35 6.23 12.91 -7.95
N PHE A 36 4.90 12.73 -7.96
CA PHE A 36 4.00 13.78 -8.40
C PHE A 36 2.91 13.99 -7.34
N GLY A 37 2.68 15.24 -6.98
CA GLY A 37 1.61 15.59 -6.07
C GLY A 37 1.89 15.29 -4.61
N GLN A 38 1.06 15.87 -3.74
CA GLN A 38 1.18 15.69 -2.30
C GLN A 38 -0.16 15.29 -1.71
N VAL A 39 -0.15 14.86 -0.45
CA VAL A 39 -1.39 14.46 0.23
C VAL A 39 -1.61 15.29 1.49
N VAL A 40 -2.81 15.87 1.60
CA VAL A 40 -3.14 16.72 2.74
C VAL A 40 -4.40 16.23 3.45
N ARG A 41 -4.34 16.16 4.78
CA ARG A 41 -5.51 15.84 5.57
C ARG A 41 -6.52 16.98 5.48
N ALA A 42 -7.81 16.65 5.46
CA ALA A 42 -8.82 17.69 5.29
C ALA A 42 -10.16 17.31 5.90
N GLU A 43 -10.94 18.35 6.23
CA GLU A 43 -12.29 18.19 6.75
C GLU A 43 -13.30 18.45 5.64
N ALA A 44 -14.24 17.54 5.46
CA ALA A 44 -15.26 17.67 4.42
C ALA A 44 -16.65 17.81 5.03
N PHE A 45 -17.46 18.68 4.44
CA PHE A 45 -18.81 18.90 4.93
C PHE A 45 -19.85 18.56 3.86
N GLY A 46 -20.66 17.55 4.13
CA GLY A 46 -21.69 17.15 3.21
C GLY A 46 -21.18 16.25 2.09
N MET A 47 -20.14 15.47 2.39
CA MET A 47 -19.66 14.47 1.44
C MET A 47 -20.80 13.51 1.15
N ASP A 48 -21.56 13.22 2.19
CA ASP A 48 -22.87 12.57 2.05
C ASP A 48 -23.90 13.65 1.75
N PRO A 49 -24.45 13.66 0.52
CA PRO A 49 -25.38 14.69 0.09
C PRO A 49 -26.66 14.74 0.92
N ALA A 50 -26.95 13.66 1.65
CA ALA A 50 -28.12 13.60 2.49
C ALA A 50 -27.92 14.40 3.77
N ARG A 51 -26.67 14.57 4.19
CA ARG A 51 -26.34 15.35 5.37
C ARG A 51 -25.34 16.46 5.02
N PRO A 52 -25.85 17.57 4.47
CA PRO A 52 -25.06 18.68 3.94
C PRO A 52 -24.12 19.34 4.96
N ASP A 53 -24.45 19.25 6.24
CA ASP A 53 -23.65 19.91 7.27
C ASP A 53 -22.85 18.92 8.11
N GLN A 54 -22.87 17.65 7.72
CA GLN A 54 -22.13 16.62 8.44
C GLN A 54 -20.64 16.70 8.10
N ALA A 55 -19.81 16.66 9.13
CA ALA A 55 -18.37 16.72 8.93
C ALA A 55 -17.76 15.33 8.81
N SER A 56 -16.72 15.22 7.99
CA SER A 56 -16.00 13.96 7.83
C SER A 56 -14.53 14.22 7.51
N THR A 57 -13.67 13.30 7.89
CA THR A 57 -12.23 13.46 7.64
C THR A 57 -11.82 12.72 6.37
N VAL A 58 -11.20 13.45 5.45
CA VAL A 58 -10.76 12.88 4.19
C VAL A 58 -9.29 13.22 3.92
N ALA A 59 -8.74 12.60 2.88
CA ALA A 59 -7.41 12.94 2.41
C ALA A 59 -7.51 13.55 1.02
N VAL A 60 -6.79 14.63 0.78
CA VAL A 60 -6.85 15.31 -0.50
C VAL A 60 -5.52 15.23 -1.25
N LYS A 61 -5.58 14.73 -2.48
CA LYS A 61 -4.41 14.69 -3.35
C LYS A 61 -4.39 15.93 -4.24
N MET A 62 -3.21 16.52 -4.39
CA MET A 62 -3.07 17.76 -5.14
C MET A 62 -1.64 17.93 -5.64
N LEU A 63 -1.48 18.72 -6.70
CA LEU A 63 -0.15 18.99 -7.25
C LEU A 63 0.70 19.80 -6.29
N LYS A 64 2.02 19.75 -6.49
CA LYS A 64 2.92 20.58 -5.72
C LYS A 64 3.07 21.92 -6.43
N ASP A 65 3.99 22.75 -5.97
CA ASP A 65 4.15 24.08 -6.53
C ASP A 65 5.10 24.05 -7.72
N ASN A 66 5.77 22.91 -7.91
CA ASN A 66 6.65 22.72 -9.06
C ASN A 66 5.93 22.01 -10.20
N ALA A 67 4.60 22.03 -10.14
CA ALA A 67 3.75 21.22 -11.02
C ALA A 67 4.04 21.42 -12.50
N SER A 68 4.51 20.35 -13.15
CA SER A 68 4.71 20.35 -14.59
C SER A 68 3.38 20.09 -15.27
N ASP A 69 3.39 20.03 -16.60
CA ASP A 69 2.23 19.58 -17.34
C ASP A 69 2.12 18.08 -17.21
N LYS A 70 3.28 17.44 -16.99
CA LYS A 70 3.35 16.00 -16.78
C LYS A 70 2.79 15.62 -15.42
N ASP A 71 3.10 16.46 -14.42
CA ASP A 71 2.59 16.24 -13.07
C ASP A 71 1.08 16.34 -13.04
N LEU A 72 0.53 17.31 -13.76
CA LEU A 72 -0.91 17.47 -13.87
C LEU A 72 -1.51 16.28 -14.62
N ALA A 73 -0.85 15.89 -15.70
CA ALA A 73 -1.32 14.77 -16.52
C ALA A 73 -1.35 13.47 -15.70
N ASP A 74 -0.33 13.27 -14.88
CA ASP A 74 -0.25 12.09 -14.03
C ASP A 74 -1.38 12.06 -13.00
N LEU A 75 -1.63 13.20 -12.37
CA LEU A 75 -2.67 13.30 -11.36
C LEU A 75 -4.06 13.16 -11.98
N VAL A 76 -4.25 13.79 -13.14
CA VAL A 76 -5.50 13.64 -13.90
C VAL A 76 -5.71 12.19 -14.27
N SER A 77 -4.63 11.53 -14.69
CA SER A 77 -4.67 10.11 -15.05
C SER A 77 -5.08 9.26 -13.86
N GLU A 78 -4.50 9.56 -12.70
CA GLU A 78 -4.81 8.83 -11.47
C GLU A 78 -6.29 8.98 -11.12
N MET A 79 -6.81 10.18 -11.29
CA MET A 79 -8.21 10.49 -10.99
C MET A 79 -9.16 9.62 -11.81
N GLU A 80 -8.86 9.48 -13.10
CA GLU A 80 -9.71 8.71 -14.00
C GLU A 80 -9.65 7.22 -13.68
N VAL A 81 -8.49 6.76 -13.23
CA VAL A 81 -8.33 5.39 -12.78
C VAL A 81 -9.21 5.17 -11.54
N MET A 82 -9.20 6.14 -10.64
CA MET A 82 -10.01 6.08 -9.41
C MET A 82 -11.49 5.91 -9.73
N LYS A 83 -11.96 6.57 -10.78
CA LYS A 83 -13.37 6.54 -11.16
C LYS A 83 -13.81 5.18 -11.69
N LEU A 84 -12.88 4.45 -12.28
CA LEU A 84 -13.21 3.20 -12.97
C LEU A 84 -13.09 1.97 -12.08
N ILE A 85 -12.15 1.99 -11.14
CA ILE A 85 -11.87 0.82 -10.29
C ILE A 85 -13.08 0.45 -9.43
N GLY A 86 -13.78 1.44 -8.90
CA GLY A 86 -14.94 1.19 -8.08
C GLY A 86 -14.63 1.21 -6.60
N ARG A 87 -15.54 0.66 -5.80
CA ARG A 87 -15.39 0.69 -4.35
C ARG A 87 -15.14 -0.70 -3.75
N HIS A 88 -14.13 -0.77 -2.88
CA HIS A 88 -13.85 -2.00 -2.15
C HIS A 88 -13.33 -1.65 -0.76
N LYS A 89 -13.58 -2.52 0.20
CA LYS A 89 -13.24 -2.28 1.60
C LYS A 89 -11.74 -2.11 1.83
N ASN A 90 -10.94 -2.81 1.02
CA ASN A 90 -9.50 -2.88 1.26
C ASN A 90 -8.65 -2.05 0.30
N ILE A 91 -9.24 -1.00 -0.26
CA ILE A 91 -8.47 -0.03 -1.06
C ILE A 91 -8.84 1.39 -0.64
N ILE A 92 -8.00 2.34 -1.00
CA ILE A 92 -8.32 3.75 -0.77
C ILE A 92 -9.30 4.22 -1.83
N ASN A 93 -10.54 4.45 -1.41
CA ASN A 93 -11.62 4.77 -2.34
C ASN A 93 -11.70 6.23 -2.72
N LEU A 94 -12.13 6.49 -3.95
CA LEU A 94 -12.38 7.85 -4.40
C LEU A 94 -13.68 8.35 -3.79
N LEU A 95 -13.67 9.57 -3.27
CA LEU A 95 -14.86 10.14 -2.65
C LEU A 95 -15.43 11.28 -3.48
N GLY A 96 -14.53 12.03 -4.12
CA GLY A 96 -14.94 13.15 -4.95
C GLY A 96 -13.74 13.85 -5.55
N VAL A 97 -14.01 14.85 -6.40
CA VAL A 97 -12.95 15.62 -7.04
C VAL A 97 -13.29 17.10 -7.10
N CYS A 98 -12.25 17.93 -7.19
CA CYS A 98 -12.43 19.36 -7.38
C CYS A 98 -11.64 19.81 -8.60
N THR A 99 -12.35 20.10 -9.69
CA THR A 99 -11.70 20.42 -10.96
C THR A 99 -12.13 21.77 -11.51
N GLN A 100 -13.16 22.36 -10.91
CA GLN A 100 -13.74 23.59 -11.43
C GLN A 100 -13.36 24.83 -10.62
N GLU A 101 -12.83 25.83 -11.32
CA GLU A 101 -12.48 27.11 -10.72
C GLU A 101 -11.57 26.96 -9.50
N GLY A 102 -10.34 26.52 -9.75
CA GLY A 102 -9.38 26.30 -8.70
C GLY A 102 -8.46 25.13 -9.00
N PRO A 103 -7.48 24.88 -8.11
CA PRO A 103 -6.51 23.79 -8.28
C PRO A 103 -7.16 22.42 -8.26
N LEU A 104 -6.51 21.44 -8.88
CA LEU A 104 -7.07 20.09 -8.97
C LEU A 104 -6.95 19.33 -7.66
N TYR A 105 -8.10 18.96 -7.10
CA TYR A 105 -8.13 18.16 -5.88
C TYR A 105 -8.73 16.79 -6.17
N VAL A 106 -8.03 15.74 -5.73
CA VAL A 106 -8.56 14.38 -5.80
C VAL A 106 -8.84 13.88 -4.38
N ILE A 107 -10.11 13.86 -4.01
CA ILE A 107 -10.50 13.55 -2.65
C ILE A 107 -10.69 12.05 -2.41
N VAL A 108 -9.92 11.50 -1.49
CA VAL A 108 -9.97 10.09 -1.17
C VAL A 108 -10.15 9.87 0.32
N GLU A 109 -10.30 8.60 0.72
CA GLU A 109 -10.46 8.26 2.13
C GLU A 109 -9.18 8.53 2.92
N CYS A 110 -9.33 8.71 4.23
CA CYS A 110 -8.19 8.99 5.10
C CYS A 110 -7.96 7.84 6.07
N ALA A 111 -6.71 7.39 6.15
CA ALA A 111 -6.35 6.30 7.05
C ALA A 111 -5.64 6.83 8.29
N ALA A 112 -6.37 6.86 9.41
CA ALA A 112 -5.92 7.55 10.62
C ALA A 112 -4.65 6.97 11.25
N LYS A 113 -4.29 5.75 10.91
CA LYS A 113 -3.16 5.09 11.56
C LYS A 113 -1.91 5.00 10.69
N GLY A 114 -1.92 5.72 9.57
CA GLY A 114 -0.74 5.77 8.70
C GLY A 114 -0.53 4.51 7.89
N ASN A 115 0.66 4.36 7.32
CA ASN A 115 0.96 3.21 6.48
C ASN A 115 1.30 1.96 7.30
N LEU A 116 1.22 0.80 6.66
CA LEU A 116 1.37 -0.48 7.34
C LEU A 116 2.75 -0.67 7.95
N ARG A 117 3.79 -0.17 7.29
CA ARG A 117 5.15 -0.35 7.79
C ARG A 117 5.35 0.33 9.15
N GLU A 118 4.99 1.60 9.25
CA GLU A 118 5.16 2.34 10.49
C GLU A 118 4.20 1.86 11.57
N PHE A 119 3.05 1.37 11.14
CA PHE A 119 2.05 0.80 12.04
C PHE A 119 2.66 -0.37 12.82
N LEU A 120 3.37 -1.24 12.11
CA LEU A 120 3.97 -2.43 12.71
C LEU A 120 5.21 -2.10 13.53
N ARG A 121 6.02 -1.17 13.03
CA ARG A 121 7.26 -0.79 13.71
C ARG A 121 6.98 -0.10 15.04
N ALA A 122 5.91 0.68 15.08
CA ALA A 122 5.53 1.38 16.30
C ALA A 122 4.90 0.43 17.32
N ARG A 123 4.53 -0.76 16.85
CA ARG A 123 3.85 -1.73 17.71
C ARG A 123 4.66 -3.01 17.89
N ARG A 124 5.99 -2.88 17.85
CA ARG A 124 6.85 -4.02 18.15
C ARG A 124 6.79 -4.33 19.64
N PRO A 125 6.89 -5.61 20.00
CA PRO A 125 6.72 -6.05 21.38
C PRO A 125 7.79 -5.48 22.32
N PRO A 126 7.48 -5.40 23.63
CA PRO A 126 8.43 -4.97 24.65
C PRO A 126 9.70 -5.82 24.66
N GLY A 127 10.85 -5.16 24.79
CA GLY A 127 12.13 -5.85 24.83
C GLY A 127 12.51 -6.33 26.21
N PRO A 128 13.77 -6.79 26.37
CA PRO A 128 14.29 -7.38 27.60
C PRO A 128 14.71 -6.38 28.69
N ASP A 129 14.71 -5.09 28.37
CA ASP A 129 15.10 -4.07 29.33
C ASP A 129 13.89 -3.65 30.17
N LEU A 130 12.73 -3.70 29.55
CA LEU A 130 11.51 -3.14 30.12
C LEU A 130 11.05 -3.88 31.37
N SER A 131 10.95 -3.13 32.46
CA SER A 131 10.61 -3.69 33.77
C SER A 131 9.19 -4.22 33.81
N PRO A 132 9.00 -5.41 34.40
CA PRO A 132 7.67 -6.03 34.54
C PRO A 132 6.75 -5.21 35.44
N ASP A 133 5.79 -4.52 34.82
CA ASP A 133 4.84 -3.71 35.57
C ASP A 133 3.43 -4.03 35.12
N GLY A 134 2.72 -4.85 35.89
CA GLY A 134 1.39 -5.30 35.52
C GLY A 134 1.43 -6.70 34.95
N PRO A 135 0.25 -7.27 34.68
CA PRO A 135 0.13 -8.64 34.17
C PRO A 135 0.43 -8.79 32.68
N ARG A 136 0.64 -7.68 31.96
CA ARG A 136 0.78 -7.75 30.51
C ARG A 136 1.99 -6.99 29.95
N SER A 137 3.04 -6.85 30.74
CA SER A 137 4.21 -6.09 30.31
C SER A 137 5.11 -6.87 29.36
N SER A 138 4.79 -8.15 29.15
CA SER A 138 5.51 -8.97 28.18
C SER A 138 4.70 -9.09 26.90
N GLU A 139 3.47 -8.60 26.97
CA GLU A 139 2.51 -8.74 25.86
C GLU A 139 2.43 -7.46 25.04
N GLY A 140 2.77 -7.58 23.75
CA GLY A 140 2.75 -6.44 22.85
C GLY A 140 1.40 -6.27 22.16
N PRO A 141 1.21 -5.13 21.49
CA PRO A 141 -0.03 -4.80 20.78
C PRO A 141 -0.36 -5.79 19.66
N LEU A 142 0.67 -6.40 19.07
CA LEU A 142 0.48 -7.26 17.91
C LEU A 142 0.41 -8.74 18.28
N SER A 143 -0.54 -9.44 17.68
CA SER A 143 -0.67 -10.88 17.84
C SER A 143 -0.65 -11.55 16.46
N PHE A 144 -0.35 -12.84 16.44
CA PHE A 144 -0.27 -13.59 15.19
C PHE A 144 -1.56 -13.55 14.35
N PRO A 145 -2.74 -13.77 14.97
CA PRO A 145 -3.95 -13.75 14.13
C PRO A 145 -4.21 -12.40 13.46
N VAL A 146 -3.85 -11.31 14.11
CA VAL A 146 -4.04 -9.98 13.55
C VAL A 146 -3.08 -9.75 12.39
N LEU A 147 -1.85 -10.24 12.53
CA LEU A 147 -0.86 -10.16 11.46
C LEU A 147 -1.33 -10.90 10.22
N VAL A 148 -1.97 -12.06 10.44
CA VAL A 148 -2.53 -12.84 9.35
C VAL A 148 -3.71 -12.11 8.72
N SER A 149 -4.51 -11.46 9.57
CA SER A 149 -5.66 -10.70 9.11
C SER A 149 -5.23 -9.54 8.21
N CYS A 150 -4.13 -8.90 8.57
CA CYS A 150 -3.58 -7.81 7.75
C CYS A 150 -3.15 -8.33 6.38
N ALA A 151 -2.46 -9.47 6.39
CA ALA A 151 -2.02 -10.11 5.15
C ALA A 151 -3.20 -10.52 4.30
N TYR A 152 -4.26 -10.98 4.95
CA TYR A 152 -5.47 -11.41 4.27
C TYR A 152 -6.17 -10.25 3.56
N GLN A 153 -6.27 -9.12 4.26
CA GLN A 153 -6.98 -7.95 3.73
C GLN A 153 -6.26 -7.33 2.53
N VAL A 154 -4.93 -7.33 2.57
CA VAL A 154 -4.14 -6.82 1.45
C VAL A 154 -4.37 -7.69 0.22
N ALA A 155 -4.40 -9.00 0.42
CA ALA A 155 -4.62 -9.95 -0.66
C ALA A 155 -6.01 -9.78 -1.27
N ARG A 156 -7.01 -9.56 -0.43
CA ARG A 156 -8.38 -9.34 -0.90
C ARG A 156 -8.48 -8.07 -1.73
N GLY A 157 -7.79 -7.02 -1.28
CA GLY A 157 -7.76 -5.76 -2.00
C GLY A 157 -7.12 -5.92 -3.36
N MET A 158 -5.98 -6.62 -3.40
CA MET A 158 -5.27 -6.86 -4.65
C MET A 158 -6.08 -7.75 -5.59
N GLN A 159 -6.82 -8.69 -5.02
CA GLN A 159 -7.68 -9.57 -5.80
C GLN A 159 -8.76 -8.73 -6.50
N TYR A 160 -9.26 -7.72 -5.79
CA TYR A 160 -10.25 -6.83 -6.36
C TYR A 160 -9.65 -5.99 -7.50
N LEU A 161 -8.48 -5.41 -7.23
CA LEU A 161 -7.78 -4.59 -8.22
C LEU A 161 -7.45 -5.40 -9.47
N GLU A 162 -7.04 -6.65 -9.27
CA GLU A 162 -6.71 -7.54 -10.37
C GLU A 162 -7.94 -7.82 -11.24
N SER A 163 -9.09 -7.98 -10.60
CA SER A 163 -10.34 -8.22 -11.30
C SER A 163 -10.75 -6.99 -12.10
N ARG A 164 -10.27 -5.83 -11.68
CA ARG A 164 -10.53 -4.59 -12.39
C ARG A 164 -9.38 -4.27 -13.35
N LYS A 165 -8.55 -5.27 -13.61
CA LYS A 165 -7.41 -5.16 -14.52
C LYS A 165 -6.48 -4.02 -14.13
N CYS A 166 -6.15 -3.93 -12.84
CA CYS A 166 -5.26 -2.90 -12.33
C CYS A 166 -4.00 -3.51 -11.71
N ILE A 167 -2.85 -3.06 -12.18
CA ILE A 167 -1.53 -3.54 -11.65
C ILE A 167 -0.96 -2.46 -10.75
N HIS A 168 -0.60 -2.80 -9.51
CA HIS A 168 -0.05 -1.80 -8.57
C HIS A 168 1.34 -1.31 -8.99
N ARG A 169 2.29 -2.22 -9.27
CA ARG A 169 3.69 -1.98 -9.70
C ARG A 169 4.64 -1.49 -8.59
N ASP A 170 4.14 -1.26 -7.38
CA ASP A 170 4.98 -0.97 -6.21
C ASP A 170 4.69 -1.68 -4.89
N LEU A 171 3.72 -2.60 -4.90
CA LEU A 171 3.04 -3.06 -3.70
C LEU A 171 4.03 -3.25 -2.57
N ALA A 172 3.79 -2.56 -1.45
CA ALA A 172 4.65 -2.64 -0.29
C ALA A 172 3.89 -2.20 0.95
N ALA A 173 4.46 -2.44 2.12
CA ALA A 173 3.84 -2.06 3.42
C ALA A 173 3.68 -0.54 3.51
N ARG A 174 4.49 0.18 2.76
CA ARG A 174 4.42 1.65 2.81
C ARG A 174 3.29 2.15 1.92
N ASN A 175 2.81 1.31 1.02
CA ASN A 175 1.68 1.66 0.12
C ASN A 175 0.40 1.01 0.63
N VAL A 176 0.45 0.50 1.85
CA VAL A 176 -0.76 -0.08 2.50
C VAL A 176 -1.09 0.82 3.68
N LEU A 177 -2.33 1.26 3.74
CA LEU A 177 -2.71 2.17 4.80
C LEU A 177 -3.63 1.51 5.84
N VAL A 178 -3.53 1.98 7.08
CA VAL A 178 -4.29 1.40 8.18
C VAL A 178 -5.31 2.41 8.73
N THR A 179 -6.57 2.00 8.79
CA THR A 179 -7.64 2.87 9.27
C THR A 179 -7.79 2.83 10.78
N GLU A 180 -8.77 3.55 11.28
CA GLU A 180 -9.07 3.61 12.71
C GLU A 180 -9.39 2.23 13.29
N ASP A 181 -9.98 1.38 12.46
CA ASP A 181 -10.43 0.06 12.90
C ASP A 181 -9.51 -1.05 12.41
N ASN A 182 -8.25 -0.68 12.14
CA ASN A 182 -7.23 -1.62 11.66
C ASN A 182 -7.65 -2.37 10.39
N VAL A 183 -8.28 -1.64 9.48
CA VAL A 183 -8.60 -2.20 8.16
C VAL A 183 -7.50 -1.82 7.17
N MET A 184 -6.97 -2.82 6.47
CA MET A 184 -5.94 -2.56 5.48
C MET A 184 -6.52 -1.93 4.22
N LYS A 185 -5.90 -0.87 3.75
CA LYS A 185 -6.34 -0.21 2.52
C LYS A 185 -5.16 0.06 1.60
N ILE A 186 -5.23 -0.50 0.39
CA ILE A 186 -4.18 -0.33 -0.59
C ILE A 186 -4.24 1.06 -1.22
N ALA A 187 -3.10 1.74 -1.23
CA ALA A 187 -3.03 3.10 -1.74
C ALA A 187 -2.11 3.21 -2.96
N ASP A 188 -2.38 4.22 -3.78
CA ASP A 188 -1.54 4.56 -4.95
C ASP A 188 -1.38 3.38 -5.90
N PHE A 189 -2.49 2.76 -6.30
CA PHE A 189 -2.47 1.58 -7.19
C PHE A 189 -2.60 2.02 -8.65
N GLY A 190 -3.21 3.15 -8.91
CA GLY A 190 -3.40 3.50 -10.33
C GLY A 190 -2.45 4.52 -10.89
N LEU A 191 -1.22 4.59 -10.38
CA LEU A 191 -0.29 5.68 -10.76
C LEU A 191 0.57 5.30 -11.95
N ALA A 192 1.00 6.32 -12.68
CA ALA A 192 2.01 6.20 -13.72
C ALA A 192 3.37 6.33 -13.04
N ARG A 193 4.10 5.23 -12.95
CA ARG A 193 5.29 5.18 -12.09
C ARG A 193 6.61 5.27 -12.86
N GLY A 194 6.55 5.71 -14.11
CA GLY A 194 7.74 5.87 -14.94
C GLY A 194 8.62 4.63 -14.96
N VAL A 195 8.06 3.53 -15.44
CA VAL A 195 8.75 2.22 -15.42
C VAL A 195 9.91 2.10 -16.43
N HIS A 196 10.04 3.04 -17.37
CA HIS A 196 11.14 2.96 -18.34
C HIS A 196 12.34 3.76 -17.86
N HIS A 197 12.23 4.36 -16.68
CA HIS A 197 13.38 5.13 -16.20
C HIS A 197 13.44 5.10 -14.68
N ILE A 198 13.62 3.91 -14.11
CA ILE A 198 13.74 3.74 -12.68
C ILE A 198 15.19 3.74 -12.22
N ASP A 199 15.53 4.65 -11.31
CA ASP A 199 16.81 4.60 -10.64
C ASP A 199 16.77 3.45 -9.65
N TYR A 200 17.44 2.35 -9.97
CA TYR A 200 17.41 1.16 -9.14
C TYR A 200 18.26 1.33 -7.88
N TYR A 201 19.07 2.38 -7.86
CA TYR A 201 19.90 2.69 -6.69
C TYR A 201 19.28 3.78 -5.83
N LYS A 202 18.07 4.20 -6.19
CA LYS A 202 17.38 5.27 -5.48
C LYS A 202 17.00 4.85 -4.07
N LYS A 203 17.46 5.63 -3.10
CA LYS A 203 17.07 5.43 -1.70
C LYS A 203 16.19 6.59 -1.25
N THR A 204 14.97 6.27 -0.81
CA THR A 204 14.04 7.29 -0.37
C THR A 204 14.50 7.95 0.92
N SER A 205 13.79 8.99 1.35
CA SER A 205 14.17 9.74 2.53
C SER A 205 14.07 8.93 3.82
N ASN A 206 13.25 7.88 3.80
CA ASN A 206 13.14 7.00 4.96
C ASN A 206 13.98 5.74 4.78
N GLY A 207 14.84 5.76 3.76
CA GLY A 207 15.82 4.70 3.56
C GLY A 207 15.32 3.49 2.79
N ARG A 208 14.19 3.64 2.10
CA ARG A 208 13.63 2.53 1.34
C ARG A 208 14.29 2.37 -0.02
N LEU A 209 14.61 1.13 -0.37
CA LEU A 209 15.08 0.79 -1.71
C LEU A 209 13.98 0.05 -2.47
N PRO A 210 13.16 0.80 -3.23
CA PRO A 210 11.97 0.27 -3.91
C PRO A 210 12.28 -0.90 -4.84
N VAL A 211 13.52 -1.03 -5.26
CA VAL A 211 13.93 -2.11 -6.16
C VAL A 211 13.82 -3.48 -5.48
N LYS A 212 13.85 -3.47 -4.15
CA LYS A 212 13.79 -4.72 -3.38
C LYS A 212 12.38 -5.32 -3.38
N TRP A 213 11.45 -4.67 -4.08
CA TRP A 213 10.09 -5.17 -4.19
C TRP A 213 9.76 -5.59 -5.62
N MET A 214 10.68 -5.34 -6.54
CA MET A 214 10.44 -5.63 -7.96
C MET A 214 10.59 -7.11 -8.27
N ALA A 215 9.64 -7.65 -9.02
CA ALA A 215 9.74 -9.00 -9.55
C ALA A 215 10.87 -9.04 -10.58
N PRO A 216 11.52 -10.22 -10.73
CA PRO A 216 12.62 -10.39 -11.68
C PRO A 216 12.26 -9.96 -13.10
N GLU A 217 11.09 -10.35 -13.58
CA GLU A 217 10.66 -9.99 -14.93
C GLU A 217 10.39 -8.49 -15.05
N ALA A 218 10.12 -7.86 -13.91
CA ALA A 218 9.90 -6.41 -13.88
C ALA A 218 11.23 -5.67 -13.81
N LEU A 219 12.16 -6.22 -13.03
CA LEU A 219 13.46 -5.59 -12.84
C LEU A 219 14.36 -5.80 -14.06
N PHE A 220 14.40 -7.03 -14.57
CA PHE A 220 15.30 -7.37 -15.66
C PHE A 220 14.69 -7.15 -17.04
N ASP A 221 13.41 -7.48 -17.18
CA ASP A 221 12.77 -7.47 -18.50
C ASP A 221 11.72 -6.36 -18.64
N GLU A 222 11.55 -5.56 -17.59
CA GLU A 222 10.58 -4.47 -17.56
C GLU A 222 9.17 -4.96 -17.87
N VAL A 223 8.87 -6.17 -17.42
CA VAL A 223 7.57 -6.78 -17.65
C VAL A 223 6.74 -6.78 -16.38
N TYR A 224 5.55 -6.18 -16.45
CA TYR A 224 4.65 -6.15 -15.30
C TYR A 224 3.36 -6.90 -15.58
N THR A 225 3.05 -7.85 -14.71
CA THR A 225 1.75 -8.53 -14.73
C THR A 225 1.19 -8.55 -13.32
N HIS A 226 0.02 -9.17 -13.16
CA HIS A 226 -0.56 -9.34 -11.84
C HIS A 226 0.30 -10.31 -11.02
N GLN A 227 1.02 -11.18 -11.71
CA GLN A 227 1.90 -12.13 -11.07
C GLN A 227 3.17 -11.46 -10.57
N SER A 228 3.51 -10.31 -11.15
CA SER A 228 4.64 -9.54 -10.67
C SER A 228 4.26 -8.83 -9.37
N ASP A 229 2.97 -8.53 -9.23
CA ASP A 229 2.45 -7.97 -7.99
C ASP A 229 2.43 -9.03 -6.88
N VAL A 230 2.24 -10.28 -7.29
CA VAL A 230 2.24 -11.39 -6.34
C VAL A 230 3.61 -11.52 -5.69
N TRP A 231 4.66 -11.34 -6.49
CA TRP A 231 6.03 -11.31 -5.98
C TRP A 231 6.15 -10.23 -4.90
N SER A 232 5.66 -9.03 -5.22
CA SER A 232 5.72 -7.91 -4.29
C SER A 232 4.92 -8.20 -3.02
N PHE A 233 3.82 -8.95 -3.18
CA PHE A 233 3.01 -9.35 -2.04
C PHE A 233 3.78 -10.29 -1.13
N GLY A 234 4.66 -11.09 -1.72
CA GLY A 234 5.51 -11.98 -0.97
C GLY A 234 6.48 -11.21 -0.09
N ILE A 235 7.05 -10.14 -0.64
CA ILE A 235 7.92 -9.26 0.13
C ILE A 235 7.12 -8.56 1.22
N LEU A 236 5.88 -8.21 0.90
CA LEU A 236 4.99 -7.55 1.86
C LEU A 236 4.68 -8.48 3.02
N LEU A 237 4.53 -9.77 2.72
CA LEU A 237 4.33 -10.78 3.75
C LEU A 237 5.51 -10.82 4.70
N TRP A 238 6.71 -10.75 4.14
CA TRP A 238 7.94 -10.75 4.91
C TRP A 238 8.00 -9.52 5.81
N GLU A 239 7.60 -8.37 5.28
CA GLU A 239 7.55 -7.13 6.05
C GLU A 239 6.65 -7.26 7.27
N ILE A 240 5.47 -7.83 7.06
CA ILE A 240 4.47 -7.98 8.12
C ILE A 240 4.99 -8.81 9.28
N PHE A 241 5.58 -9.96 8.96
CA PHE A 241 6.00 -10.89 9.99
C PHE A 241 7.42 -10.63 10.49
N THR A 242 8.00 -9.52 10.01
CA THR A 242 9.19 -8.97 10.63
C THR A 242 8.81 -7.70 11.38
N LEU A 243 7.50 -7.42 11.38
CA LEU A 243 6.94 -6.25 12.05
C LEU A 243 7.57 -4.96 11.55
N GLY A 244 7.58 -4.78 10.24
CA GLY A 244 8.08 -3.55 9.64
C GLY A 244 9.55 -3.60 9.27
N GLY A 245 10.07 -4.81 9.06
CA GLY A 245 11.46 -4.98 8.71
C GLY A 245 11.73 -4.70 7.24
N SER A 246 12.94 -4.24 6.94
CA SER A 246 13.34 -3.97 5.55
C SER A 246 13.89 -5.24 4.91
N PRO A 247 13.41 -5.56 3.69
CA PRO A 247 13.76 -6.79 2.98
C PRO A 247 15.23 -6.84 2.58
N TYR A 248 15.75 -8.05 2.41
CA TYR A 248 17.16 -8.28 2.07
C TYR A 248 18.09 -7.49 2.98
N PRO A 249 18.09 -7.82 4.29
CA PRO A 249 18.80 -7.05 5.31
C PRO A 249 20.29 -6.84 5.00
N GLY A 250 20.70 -5.57 4.96
CA GLY A 250 22.10 -5.22 4.77
C GLY A 250 22.68 -5.63 3.43
N ILE A 251 21.82 -5.70 2.42
CA ILE A 251 22.28 -6.05 1.07
C ILE A 251 22.10 -4.87 0.13
N PRO A 252 23.23 -4.28 -0.31
CA PRO A 252 23.19 -3.16 -1.25
C PRO A 252 22.62 -3.56 -2.62
N VAL A 253 22.18 -2.58 -3.39
CA VAL A 253 21.50 -2.84 -4.66
C VAL A 253 22.37 -3.64 -5.64
N GLU A 254 23.66 -3.32 -5.71
CA GLU A 254 24.57 -4.05 -6.59
C GLU A 254 24.59 -5.54 -6.26
N GLU A 255 24.59 -5.86 -4.97
CA GLU A 255 24.60 -7.24 -4.54
C GLU A 255 23.26 -7.91 -4.81
N LEU A 256 22.19 -7.13 -4.72
CA LEU A 256 20.84 -7.63 -5.00
C LEU A 256 20.72 -8.16 -6.42
N PHE A 257 21.35 -7.45 -7.36
CA PHE A 257 21.33 -7.83 -8.77
C PHE A 257 21.84 -9.25 -9.01
N SER A 258 23.06 -9.52 -8.56
CA SER A 258 23.70 -10.82 -8.77
C SER A 258 23.03 -11.92 -7.95
N LEU A 259 22.59 -11.58 -6.73
CA LEU A 259 21.91 -12.54 -5.88
C LEU A 259 20.61 -13.01 -6.52
N LEU A 260 19.87 -12.08 -7.11
CA LEU A 260 18.62 -12.42 -7.80
C LEU A 260 18.89 -13.29 -9.03
N ARG A 261 20.01 -13.04 -9.69
CA ARG A 261 20.39 -13.83 -10.86
C ARG A 261 20.83 -15.23 -10.46
N GLU A 262 21.26 -15.38 -9.21
CA GLU A 262 21.70 -16.68 -8.71
C GLU A 262 20.54 -17.45 -8.06
N GLY A 263 19.39 -16.78 -7.94
CA GLY A 263 18.21 -17.42 -7.39
C GLY A 263 18.12 -17.29 -5.89
N HIS A 264 18.86 -16.36 -5.32
CA HIS A 264 18.85 -16.13 -3.87
C HIS A 264 17.50 -15.63 -3.40
N ARG A 265 17.07 -16.10 -2.23
CA ARG A 265 15.83 -15.65 -1.62
C ARG A 265 16.07 -15.31 -0.15
N MET A 266 15.20 -14.49 0.42
CA MET A 266 15.32 -14.12 1.83
C MET A 266 15.12 -15.33 2.74
N ASP A 267 15.77 -15.30 3.89
CA ASP A 267 15.64 -16.36 4.88
C ASP A 267 14.29 -16.30 5.60
N ARG A 268 13.92 -17.40 6.24
CA ARG A 268 12.72 -17.44 7.05
C ARG A 268 12.91 -16.63 8.32
N PRO A 269 12.16 -15.52 8.45
CA PRO A 269 12.30 -14.61 9.60
C PRO A 269 11.90 -15.28 10.91
N PRO A 270 12.48 -14.82 12.03
CA PRO A 270 12.17 -15.38 13.36
C PRO A 270 10.70 -15.23 13.73
N HIS A 271 10.21 -16.15 14.56
CA HIS A 271 8.83 -16.12 15.03
C HIS A 271 7.83 -16.10 13.89
N CYS A 272 8.15 -16.82 12.82
CA CYS A 272 7.28 -16.95 11.67
C CYS A 272 7.05 -18.42 11.34
N PRO A 273 5.79 -18.87 11.39
CA PRO A 273 5.44 -20.27 11.11
C PRO A 273 5.79 -20.66 9.68
N PRO A 274 6.05 -21.96 9.44
CA PRO A 274 6.47 -22.42 8.12
C PRO A 274 5.38 -22.28 7.06
N GLU A 275 4.13 -22.15 7.51
CA GLU A 275 3.01 -21.95 6.59
C GLU A 275 3.19 -20.68 5.78
N LEU A 276 3.46 -19.58 6.46
CA LEU A 276 3.52 -18.28 5.81
C LEU A 276 4.83 -18.05 5.06
N TYR A 277 5.93 -18.61 5.57
CA TYR A 277 7.18 -18.55 4.82
C TYR A 277 7.05 -19.39 3.57
N GLY A 278 6.21 -20.42 3.64
CA GLY A 278 5.91 -21.23 2.48
C GLY A 278 5.18 -20.42 1.43
N LEU A 279 4.27 -19.56 1.87
CA LEU A 279 3.55 -18.67 0.97
C LEU A 279 4.49 -17.63 0.36
N MET A 280 5.43 -17.14 1.16
CA MET A 280 6.42 -16.19 0.69
C MET A 280 7.26 -16.77 -0.44
N ARG A 281 7.71 -18.00 -0.25
CA ARG A 281 8.56 -18.67 -1.22
C ARG A 281 7.78 -19.01 -2.50
N GLU A 282 6.47 -19.19 -2.38
CA GLU A 282 5.63 -19.44 -3.54
C GLU A 282 5.48 -18.18 -4.37
N CYS A 283 5.41 -17.04 -3.70
CA CYS A 283 5.31 -15.75 -4.37
C CYS A 283 6.62 -15.39 -5.04
N TRP A 284 7.69 -16.06 -4.63
CA TRP A 284 9.02 -15.75 -5.13
C TRP A 284 9.55 -16.80 -6.11
N HIS A 285 8.66 -17.64 -6.62
CA HIS A 285 9.03 -18.61 -7.65
C HIS A 285 9.46 -17.87 -8.92
N ALA A 286 10.49 -18.40 -9.58
CA ALA A 286 11.03 -17.77 -10.78
C ALA A 286 9.97 -17.60 -11.86
N ALA A 287 9.31 -18.70 -12.20
CA ALA A 287 8.25 -18.67 -13.20
C ALA A 287 6.98 -18.04 -12.60
N PRO A 288 6.54 -16.92 -13.18
CA PRO A 288 5.35 -16.18 -12.70
C PRO A 288 4.08 -17.03 -12.68
N SER A 289 4.06 -18.09 -13.48
CA SER A 289 2.88 -18.95 -13.57
C SER A 289 2.85 -19.98 -12.44
N GLN A 290 3.98 -20.15 -11.75
CA GLN A 290 4.03 -21.07 -10.62
C GLN A 290 3.91 -20.34 -9.29
N ARG A 291 3.67 -19.03 -9.37
CA ARG A 291 3.30 -18.25 -8.20
C ARG A 291 1.79 -18.34 -8.03
N PRO A 292 1.32 -18.32 -6.78
CA PRO A 292 -0.13 -18.37 -6.56
C PRO A 292 -0.81 -17.12 -7.08
N THR A 293 -2.04 -17.25 -7.57
CA THR A 293 -2.83 -16.07 -7.92
C THR A 293 -3.26 -15.38 -6.64
N PHE A 294 -3.75 -14.16 -6.74
CA PHE A 294 -4.23 -13.45 -5.56
C PHE A 294 -5.45 -14.16 -4.98
N LYS A 295 -6.26 -14.73 -5.87
CA LYS A 295 -7.43 -15.49 -5.44
C LYS A 295 -7.01 -16.69 -4.59
N GLN A 296 -5.91 -17.32 -4.98
CA GLN A 296 -5.37 -18.45 -4.23
C GLN A 296 -4.75 -17.99 -2.92
N LEU A 297 -4.14 -16.81 -2.93
CA LEU A 297 -3.54 -16.24 -1.73
C LEU A 297 -4.59 -15.94 -0.68
N VAL A 298 -5.71 -15.35 -1.13
CA VAL A 298 -6.82 -15.03 -0.25
C VAL A 298 -7.37 -16.29 0.42
N GLU A 299 -7.60 -17.33 -0.38
CA GLU A 299 -8.12 -18.60 0.13
C GLU A 299 -7.15 -19.27 1.09
N ALA A 300 -5.87 -19.22 0.76
CA ALA A 300 -4.83 -19.82 1.60
C ALA A 300 -4.72 -19.08 2.92
N LEU A 301 -4.67 -17.76 2.86
CA LEU A 301 -4.56 -16.92 4.05
C LEU A 301 -5.83 -16.98 4.89
N ASP A 302 -6.95 -17.35 4.27
CA ASP A 302 -8.22 -17.45 4.98
C ASP A 302 -8.25 -18.71 5.85
N LYS A 303 -7.72 -19.81 5.32
CA LYS A 303 -7.68 -21.07 6.05
C LYS A 303 -6.83 -20.94 7.32
N VAL A 304 -5.72 -20.22 7.20
CA VAL A 304 -4.84 -19.98 8.34
C VAL A 304 -5.53 -19.08 9.36
N LEU A 305 -6.24 -18.06 8.86
CA LEU A 305 -6.91 -17.10 9.71
C LEU A 305 -8.08 -17.73 10.47
N LEU A 306 -8.88 -18.53 9.77
CA LEU A 306 -10.00 -19.23 10.39
C LEU A 306 -9.53 -20.20 11.47
N ALA A 307 -8.37 -20.80 11.25
CA ALA A 307 -7.83 -21.80 12.15
C ALA A 307 -7.34 -21.20 13.46
N VAL A 308 -7.13 -19.89 13.47
CA VAL A 308 -6.64 -19.22 14.68
C VAL A 308 -7.65 -18.23 15.24
N SER A 309 -8.89 -18.30 14.75
CA SER A 309 -9.92 -17.36 15.17
C SER A 309 -11.02 -17.82 16.12
N GLU A 310 -10.66 -18.71 17.04
CA GLU A 310 -11.60 -19.46 17.88
C GLU A 310 -12.76 -18.58 18.35
#